data_4AXQ
#
_entry.id   4AXQ
#
_cell.length_a   88.339
_cell.length_b   88.339
_cell.length_c   50.275
_cell.angle_alpha   90.00
_cell.angle_beta   90.00
_cell.angle_gamma   90.00
#
_symmetry.space_group_name_H-M   'I 4'
#
loop_
_entity.id
_entity.type
_entity.pdbx_description
1 polymer ARCHAEMETZINCIN
2 non-polymer 'ZINC ION'
3 water water
#
_entity_poly.entity_id   1
_entity_poly.type   'polypeptide(L)'
_entity_poly.pdbx_seq_one_letter_code
;GSHMKIYIQPLSVNSHTVEVLANSLPKIFNAEVFVLPASDVSLKCYNASRRQYNSTCILRMLPPIKVTLGVTGKDIYAKG
MNFVFGEAELGGARAVLSVFRLTTADSELYRERVVKEAVHEIGHVLGLKHCSNNCVMRFSNSVQDVDRKPVSFCRECASK
IRY
;
_entity_poly.pdbx_strand_id   A
#
loop_
_chem_comp.id
_chem_comp.type
_chem_comp.name
_chem_comp.formula
ZN non-polymer 'ZINC ION' 'Zn 2'
#
# COMPACT_ATOMS: atom_id res chain seq x y z
N GLY A 1 -3.37 10.80 24.60
CA GLY A 1 -2.05 10.51 23.96
C GLY A 1 -2.04 10.79 22.46
N SER A 2 -0.89 10.60 21.85
CA SER A 2 -0.71 10.85 20.43
C SER A 2 -0.71 9.51 19.68
N HIS A 3 -1.25 9.53 18.47
CA HIS A 3 -1.25 8.37 17.59
C HIS A 3 -0.88 8.77 16.20
N MET A 4 -0.21 7.85 15.52
CA MET A 4 0.00 7.93 14.10
C MET A 4 -1.33 8.10 13.38
N LYS A 5 -1.32 8.85 12.28
CA LYS A 5 -2.51 9.00 11.46
C LYS A 5 -2.27 8.33 10.11
N ILE A 6 -3.27 7.61 9.63
CA ILE A 6 -3.23 7.01 8.28
C ILE A 6 -4.51 7.43 7.57
N TYR A 7 -4.34 8.09 6.43
CA TYR A 7 -5.43 8.49 5.58
C TYR A 7 -5.45 7.58 4.37
N ILE A 8 -6.57 6.88 4.16
CA ILE A 8 -6.72 6.02 2.99
C ILE A 8 -7.47 6.80 1.90
N GLN A 9 -6.84 6.95 0.74
CA GLN A 9 -7.46 7.62 -0.40
C GLN A 9 -7.85 6.58 -1.45
N PRO A 10 -9.14 6.24 -1.53
CA PRO A 10 -9.56 5.33 -2.60
C PRO A 10 -9.45 5.99 -3.97
N LEU A 11 -8.82 5.29 -4.89
CA LEU A 11 -8.59 5.77 -6.25
C LEU A 11 -9.01 4.66 -7.23
N SER A 12 -10.25 4.73 -7.70
CA SER A 12 -10.80 3.70 -8.58
CA SER A 12 -10.84 3.70 -8.56
C SER A 12 -10.57 2.30 -8.02
N VAL A 13 -11.13 2.04 -6.85
CA VAL A 13 -11.03 0.75 -6.20
C VAL A 13 -12.36 0.41 -5.52
N ASN A 14 -12.66 -0.87 -5.39
CA ASN A 14 -13.92 -1.22 -4.72
C ASN A 14 -13.94 -0.88 -3.24
N SER A 15 -15.13 -0.57 -2.71
CA SER A 15 -15.29 -0.19 -1.31
CA SER A 15 -15.28 -0.19 -1.31
C SER A 15 -14.89 -1.30 -0.35
N HIS A 16 -15.13 -2.56 -0.75
CA HIS A 16 -14.77 -3.71 0.10
C HIS A 16 -13.30 -3.69 0.47
N THR A 17 -12.46 -3.46 -0.53
CA THR A 17 -11.02 -3.44 -0.34
C THR A 17 -10.63 -2.33 0.63
N VAL A 18 -11.23 -1.16 0.47
CA VAL A 18 -10.98 -0.05 1.38
C VAL A 18 -11.35 -0.43 2.81
N GLU A 19 -12.51 -1.05 2.97
CA GLU A 19 -12.97 -1.42 4.30
C GLU A 19 -12.08 -2.48 4.98
N VAL A 20 -11.53 -3.39 4.20
CA VAL A 20 -10.55 -4.34 4.77
C VAL A 20 -9.42 -3.57 5.42
N LEU A 21 -8.92 -2.55 4.74
CA LEU A 21 -7.80 -1.79 5.28
C LEU A 21 -8.21 -0.92 6.46
N ALA A 22 -9.38 -0.32 6.38
CA ALA A 22 -9.88 0.52 7.47
C ALA A 22 -10.00 -0.29 8.76
N ASN A 23 -10.34 -1.55 8.63
CA ASN A 23 -10.55 -2.33 9.82
C ASN A 23 -9.30 -3.05 10.33
N SER A 24 -8.27 -3.19 9.50
CA SER A 24 -7.05 -3.89 9.90
CA SER A 24 -7.05 -3.90 9.89
C SER A 24 -5.91 -2.98 10.34
N LEU A 25 -5.75 -1.85 9.66
CA LEU A 25 -4.60 -1.00 9.91
C LEU A 25 -4.57 -0.35 11.30
N PRO A 26 -5.73 0.03 11.87
CA PRO A 26 -5.64 0.68 13.19
C PRO A 26 -4.84 -0.13 14.22
N LYS A 27 -5.15 -1.41 14.37
CA LYS A 27 -4.49 -2.22 15.38
C LYS A 27 -3.02 -2.48 15.02
N ILE A 28 -2.71 -2.63 13.74
CA ILE A 28 -1.33 -2.93 13.33
C ILE A 28 -0.38 -1.77 13.66
N PHE A 29 -0.84 -0.55 13.42
CA PHE A 29 0.00 0.62 13.57
C PHE A 29 -0.33 1.47 14.81
N ASN A 30 -1.29 1.00 15.59
CA ASN A 30 -1.85 1.79 16.70
C ASN A 30 -2.17 3.21 16.22
N ALA A 31 -2.96 3.25 15.15
CA ALA A 31 -3.18 4.47 14.35
C ALA A 31 -4.64 4.89 14.31
N GLU A 32 -4.85 6.21 14.24
CA GLU A 32 -6.13 6.78 13.82
C GLU A 32 -6.18 6.69 12.31
N VAL A 33 -7.14 5.92 11.82
CA VAL A 33 -7.29 5.66 10.39
C VAL A 33 -8.55 6.35 9.88
N PHE A 34 -8.38 7.10 8.79
CA PHE A 34 -9.45 7.88 8.19
C PHE A 34 -9.62 7.48 6.74
N VAL A 35 -10.83 7.19 6.33
CA VAL A 35 -11.11 6.88 4.93
C VAL A 35 -11.62 8.14 4.24
N LEU A 36 -10.86 8.63 3.27
CA LEU A 36 -11.21 9.83 2.55
C LEU A 36 -12.26 9.53 1.47
N PRO A 37 -12.98 10.57 1.02
CA PRO A 37 -13.94 10.29 -0.05
C PRO A 37 -13.26 9.73 -1.29
N ALA A 38 -13.89 8.74 -1.90
CA ALA A 38 -13.38 8.12 -3.11
C ALA A 38 -13.26 9.10 -4.29
N SER A 39 -12.26 8.88 -5.13
CA SER A 39 -12.14 9.58 -6.39
C SER A 39 -11.58 8.63 -7.43
N ASP A 40 -11.55 9.08 -8.67
CA ASP A 40 -10.96 8.30 -9.74
C ASP A 40 -9.46 8.53 -9.74
N VAL A 41 -8.71 7.46 -10.01
CA VAL A 41 -7.27 7.60 -10.19
C VAL A 41 -7.04 8.52 -11.40
N SER A 42 -6.05 9.40 -11.29
CA SER A 42 -5.89 10.44 -12.30
C SER A 42 -5.43 9.95 -13.68
N LEU A 43 -6.14 10.40 -14.70
CA LEU A 43 -5.76 10.12 -16.08
C LEU A 43 -4.42 10.74 -16.44
N LYS A 44 -3.98 11.76 -15.71
CA LYS A 44 -2.66 12.33 -15.94
C LYS A 44 -1.55 11.29 -15.72
N CYS A 45 -1.85 10.25 -14.95
N CYS A 45 -1.88 10.26 -14.94
CA CYS A 45 -0.87 9.22 -14.62
CA CYS A 45 -0.91 9.22 -14.56
C CYS A 45 -0.99 7.96 -15.48
C CYS A 45 -0.95 8.01 -15.50
N TYR A 46 -1.86 8.00 -16.47
CA TYR A 46 -2.05 6.88 -17.38
C TYR A 46 -1.03 6.92 -18.52
N ASN A 47 -0.34 5.81 -18.70
CA ASN A 47 0.62 5.65 -19.79
C ASN A 47 -0.11 4.90 -20.87
N ALA A 48 -0.39 5.58 -21.97
CA ALA A 48 -1.22 5.01 -23.01
C ALA A 48 -0.52 3.85 -23.73
N SER A 49 0.80 3.89 -23.78
CA SER A 49 1.57 2.84 -24.45
C SER A 49 1.53 1.52 -23.65
N ARG A 50 1.70 1.63 -22.34
CA ARG A 50 1.67 0.47 -21.45
C ARG A 50 0.27 0.05 -21.05
N ARG A 51 -0.68 0.96 -21.16
CA ARG A 51 -2.04 0.74 -20.65
C ARG A 51 -2.03 0.41 -19.14
N GLN A 52 -1.21 1.16 -18.42
CA GLN A 52 -1.09 1.05 -16.97
C GLN A 52 -0.92 2.47 -16.43
N TYR A 53 -1.18 2.64 -15.13
CA TYR A 53 -0.91 3.89 -14.44
C TYR A 53 0.44 3.85 -13.77
N ASN A 54 1.08 5.00 -13.69
CA ASN A 54 2.39 5.08 -13.07
C ASN A 54 2.28 5.37 -11.57
N SER A 55 2.91 4.53 -10.76
CA SER A 55 2.82 4.62 -9.30
C SER A 55 3.42 5.92 -8.76
N THR A 56 4.54 6.35 -9.31
CA THR A 56 5.21 7.54 -8.82
C THR A 56 4.32 8.76 -9.06
N CYS A 57 3.69 8.78 -10.23
N CYS A 57 3.67 8.77 -10.22
CA CYS A 57 2.79 9.86 -10.59
CA CYS A 57 2.80 9.88 -10.56
C CYS A 57 1.60 9.94 -9.62
C CYS A 57 1.58 9.94 -9.63
N ILE A 58 1.01 8.79 -9.34
CA ILE A 58 -0.15 8.72 -8.43
C ILE A 58 0.27 9.20 -7.05
N LEU A 59 1.38 8.67 -6.57
CA LEU A 59 1.87 9.00 -5.24
C LEU A 59 2.02 10.53 -5.09
N ARG A 60 2.60 11.16 -6.10
CA ARG A 60 2.94 12.56 -6.00
C ARG A 60 1.73 13.48 -6.17
N MET A 61 0.58 12.92 -6.57
CA MET A 61 -0.68 13.66 -6.60
CA MET A 61 -0.66 13.70 -6.57
C MET A 61 -1.40 13.67 -5.24
N LEU A 62 -0.98 12.82 -4.31
CA LEU A 62 -1.62 12.77 -3.01
C LEU A 62 -1.13 13.94 -2.19
N PRO A 63 -1.95 14.41 -1.22
CA PRO A 63 -1.43 15.43 -0.33
C PRO A 63 -0.33 14.87 0.57
N PRO A 64 0.72 15.66 0.83
CA PRO A 64 1.85 15.17 1.61
C PRO A 64 1.59 15.22 3.12
N ILE A 65 0.59 14.47 3.55
CA ILE A 65 0.22 14.42 4.96
C ILE A 65 0.53 13.03 5.50
N LYS A 66 1.43 12.94 6.46
CA LYS A 66 1.84 11.64 7.00
C LYS A 66 0.71 11.00 7.77
N VAL A 67 0.29 9.77 7.46
CA VAL A 67 0.65 8.99 6.30
C VAL A 67 -0.59 8.91 5.41
N THR A 68 -0.46 9.14 4.11
CA THR A 68 -1.56 9.03 3.18
C THR A 68 -1.24 7.92 2.19
N LEU A 69 -2.15 6.95 2.13
CA LEU A 69 -2.03 5.76 1.30
C LEU A 69 -3.12 5.79 0.24
N GLY A 70 -2.72 5.96 -1.02
CA GLY A 70 -3.63 5.80 -2.13
C GLY A 70 -3.82 4.32 -2.43
N VAL A 71 -5.05 3.91 -2.72
CA VAL A 71 -5.34 2.51 -2.98
C VAL A 71 -6.14 2.44 -4.25
N THR A 72 -5.61 1.73 -5.24
CA THR A 72 -6.27 1.64 -6.54
C THR A 72 -6.49 0.19 -6.97
N GLY A 73 -7.52 0.01 -7.79
CA GLY A 73 -7.78 -1.27 -8.44
C GLY A 73 -7.16 -1.37 -9.82
N LYS A 74 -6.57 -0.28 -10.30
CA LYS A 74 -5.94 -0.28 -11.61
C LYS A 74 -4.52 -0.80 -11.52
N ASP A 75 -4.06 -1.42 -12.58
CA ASP A 75 -2.69 -1.92 -12.65
C ASP A 75 -1.73 -0.73 -12.70
N ILE A 76 -0.69 -0.79 -11.88
CA ILE A 76 0.35 0.22 -11.86
C ILE A 76 1.76 -0.34 -12.10
N TYR A 77 2.64 0.53 -12.54
CA TYR A 77 4.03 0.20 -12.76
C TYR A 77 4.89 1.35 -12.26
N ALA A 78 6.20 1.16 -12.26
CA ALA A 78 7.14 2.23 -12.01
C ALA A 78 8.31 2.05 -12.95
N LYS A 79 9.14 3.06 -13.04
CA LYS A 79 10.28 3.05 -13.95
C LYS A 79 11.07 1.74 -13.86
N GLY A 80 11.26 1.09 -15.00
CA GLY A 80 12.08 -0.11 -15.09
C GLY A 80 11.39 -1.40 -14.66
N MET A 81 10.10 -1.34 -14.37
CA MET A 81 9.38 -2.52 -13.88
C MET A 81 8.17 -2.83 -14.75
N ASN A 82 7.90 -4.11 -15.01
CA ASN A 82 6.72 -4.47 -15.77
C ASN A 82 5.44 -4.09 -15.02
N PHE A 83 5.47 -4.25 -13.70
CA PHE A 83 4.40 -3.78 -12.82
C PHE A 83 4.97 -3.69 -11.42
N VAL A 84 4.28 -2.97 -10.55
CA VAL A 84 4.60 -2.96 -9.12
C VAL A 84 3.31 -3.15 -8.31
N PHE A 85 3.44 -3.58 -7.05
CA PHE A 85 2.29 -3.64 -6.16
C PHE A 85 2.05 -2.30 -5.52
N GLY A 86 3.06 -1.44 -5.51
CA GLY A 86 2.95 -0.16 -4.85
C GLY A 86 4.29 0.56 -4.84
N GLU A 87 4.28 1.72 -4.20
CA GLU A 87 5.46 2.57 -4.08
C GLU A 87 5.26 3.47 -2.88
N ALA A 88 6.36 3.86 -2.24
CA ALA A 88 6.29 4.67 -1.04
C ALA A 88 7.40 5.68 -1.01
N GLU A 89 7.15 6.80 -0.32
CA GLU A 89 8.21 7.75 0.05
C GLU A 89 8.87 7.23 1.31
N LEU A 90 10.11 6.75 1.18
CA LEU A 90 10.83 6.24 2.32
C LEU A 90 11.06 7.35 3.33
N GLY A 91 10.47 7.22 4.51
CA GLY A 91 10.63 8.22 5.53
C GLY A 91 9.87 9.52 5.29
N GLY A 92 8.97 9.47 4.31
CA GLY A 92 8.20 10.63 3.90
C GLY A 92 6.75 10.65 4.40
N ALA A 93 5.80 10.87 3.49
CA ALA A 93 4.40 11.00 3.88
C ALA A 93 3.43 10.13 3.08
N ARG A 94 3.79 9.75 1.86
CA ARG A 94 2.83 9.19 0.90
C ARG A 94 3.23 7.81 0.38
N ALA A 95 2.23 7.01 0.08
CA ALA A 95 2.43 5.73 -0.57
C ALA A 95 1.21 5.42 -1.43
N VAL A 96 1.39 4.45 -2.30
CA VAL A 96 0.31 3.92 -3.12
CA VAL A 96 0.33 3.93 -3.16
C VAL A 96 0.40 2.41 -3.17
N LEU A 97 -0.78 1.80 -3.19
CA LEU A 97 -0.96 0.36 -3.34
C LEU A 97 -1.93 0.13 -4.49
N SER A 98 -1.63 -0.84 -5.36
CA SER A 98 -2.61 -1.37 -6.29
C SER A 98 -2.92 -2.82 -5.91
N VAL A 99 -4.19 -3.14 -5.91
CA VAL A 99 -4.65 -4.50 -5.66
C VAL A 99 -4.83 -5.31 -6.95
N PHE A 100 -4.56 -4.72 -8.10
CA PHE A 100 -4.78 -5.39 -9.38
C PHE A 100 -4.06 -6.74 -9.49
N ARG A 101 -2.79 -6.77 -9.09
CA ARG A 101 -1.98 -7.99 -9.25
C ARG A 101 -2.18 -8.96 -8.08
N LEU A 102 -2.96 -8.55 -7.09
CA LEU A 102 -3.21 -9.36 -5.89
C LEU A 102 -4.49 -10.19 -5.98
N THR A 103 -5.33 -9.91 -6.97
CA THR A 103 -6.62 -10.58 -7.08
C THR A 103 -6.46 -12.08 -7.12
N THR A 104 -7.42 -12.76 -6.50
CA THR A 104 -7.44 -14.21 -6.46
C THR A 104 -8.81 -14.64 -6.07
N ALA A 105 -9.21 -15.80 -6.57
CA ALA A 105 -10.51 -16.39 -6.23
C ALA A 105 -10.59 -16.84 -4.76
N ASP A 106 -9.45 -16.92 -4.08
CA ASP A 106 -9.41 -17.28 -2.67
C ASP A 106 -9.60 -15.95 -1.92
N SER A 107 -10.82 -15.70 -1.47
CA SER A 107 -11.21 -14.43 -0.93
CA SER A 107 -11.20 -14.40 -0.92
C SER A 107 -10.44 -14.08 0.36
N GLU A 108 -10.19 -15.08 1.20
CA GLU A 108 -9.44 -14.88 2.42
C GLU A 108 -7.99 -14.50 2.08
N LEU A 109 -7.45 -15.17 1.09
CA LEU A 109 -6.09 -14.90 0.64
C LEU A 109 -5.98 -13.50 0.05
N TYR A 110 -6.97 -13.10 -0.73
CA TYR A 110 -6.95 -11.75 -1.27
C TYR A 110 -6.84 -10.71 -0.15
N ARG A 111 -7.70 -10.82 0.85
CA ARG A 111 -7.64 -9.91 1.99
C ARG A 111 -6.26 -9.92 2.64
N GLU A 112 -5.69 -11.10 2.82
CA GLU A 112 -4.38 -11.19 3.45
C GLU A 112 -3.32 -10.49 2.62
N ARG A 113 -3.39 -10.65 1.30
CA ARG A 113 -2.42 -10.01 0.42
C ARG A 113 -2.52 -8.48 0.47
N VAL A 114 -3.76 -7.97 0.48
CA VAL A 114 -4.00 -6.54 0.51
C VAL A 114 -3.44 -5.93 1.79
N VAL A 115 -3.71 -6.57 2.92
CA VAL A 115 -3.20 -6.07 4.18
C VAL A 115 -1.67 -6.13 4.19
N LYS A 116 -1.09 -7.25 3.80
CA LYS A 116 0.37 -7.33 3.71
C LYS A 116 0.98 -6.20 2.92
N GLU A 117 0.46 -5.95 1.72
CA GLU A 117 1.09 -4.93 0.91
C GLU A 117 0.86 -3.52 1.45
N ALA A 118 -0.31 -3.24 1.98
CA ALA A 118 -0.51 -1.95 2.65
C ALA A 118 0.43 -1.73 3.80
N VAL A 119 0.57 -2.75 4.65
CA VAL A 119 1.47 -2.70 5.80
C VAL A 119 2.91 -2.46 5.36
N HIS A 120 3.33 -3.18 4.31
CA HIS A 120 4.67 -3.04 3.77
C HIS A 120 4.92 -1.60 3.30
N GLU A 121 4.01 -1.04 2.51
CA GLU A 121 4.20 0.31 2.01
C GLU A 121 4.22 1.34 3.15
N ILE A 122 3.32 1.20 4.11
CA ILE A 122 3.29 2.12 5.23
C ILE A 122 4.57 1.97 6.05
N GLY A 123 5.06 0.75 6.19
CA GLY A 123 6.36 0.53 6.82
C GLY A 123 7.46 1.33 6.15
N HIS A 124 7.50 1.30 4.82
CA HIS A 124 8.46 2.14 4.10
C HIS A 124 8.28 3.62 4.45
N VAL A 125 7.04 4.10 4.46
CA VAL A 125 6.81 5.51 4.77
C VAL A 125 7.38 5.85 6.16
N LEU A 126 7.23 4.92 7.09
CA LEU A 126 7.77 5.08 8.46
C LEU A 126 9.28 4.96 8.55
N GLY A 127 9.92 4.67 7.42
CA GLY A 127 11.37 4.67 7.30
C GLY A 127 12.02 3.30 7.22
N LEU A 128 11.21 2.24 7.20
CA LEU A 128 11.76 0.88 7.18
C LEU A 128 12.27 0.50 5.80
N LYS A 129 13.49 0.01 5.75
CA LYS A 129 14.04 -0.61 4.55
C LYS A 129 13.59 -2.06 4.42
N HIS A 130 13.84 -2.68 3.28
CA HIS A 130 13.57 -4.09 3.15
C HIS A 130 14.36 -4.90 4.18
N CYS A 131 13.78 -6.01 4.59
CA CYS A 131 14.25 -6.77 5.73
C CYS A 131 14.51 -8.19 5.26
N SER A 132 15.52 -8.84 5.83
CA SER A 132 15.86 -10.20 5.44
C SER A 132 15.24 -11.23 6.36
N ASN A 133 14.62 -10.79 7.45
CA ASN A 133 13.98 -11.70 8.39
C ASN A 133 12.64 -12.18 7.87
N ASN A 134 12.00 -13.05 8.64
CA ASN A 134 10.62 -13.46 8.37
C ASN A 134 9.74 -12.29 8.74
N CYS A 135 9.38 -11.46 7.76
CA CYS A 135 8.91 -10.12 8.07
C CYS A 135 8.13 -9.61 6.89
N VAL A 136 7.12 -8.79 7.18
CA VAL A 136 6.32 -8.18 6.14
C VAL A 136 7.16 -7.21 5.28
N MET A 137 8.31 -6.77 5.81
CA MET A 137 9.17 -5.87 5.06
C MET A 137 10.09 -6.59 4.10
N ARG A 138 9.95 -7.90 3.96
N ARG A 138 9.95 -7.90 3.96
CA ARG A 138 10.64 -8.62 2.90
CA ARG A 138 10.62 -8.61 2.89
C ARG A 138 10.18 -8.04 1.56
C ARG A 138 10.18 -8.02 1.56
N PHE A 139 11.09 -7.93 0.61
CA PHE A 139 10.75 -7.45 -0.73
C PHE A 139 9.74 -8.39 -1.37
N SER A 140 8.75 -7.85 -2.08
CA SER A 140 7.84 -8.67 -2.85
C SER A 140 7.63 -8.10 -4.25
N ASN A 141 7.94 -8.91 -5.25
CA ASN A 141 7.69 -8.54 -6.63
C ASN A 141 6.77 -9.54 -7.35
N SER A 142 6.43 -10.63 -6.67
CA SER A 142 5.42 -11.58 -7.16
C SER A 142 4.49 -11.98 -6.02
N VAL A 143 3.32 -12.50 -6.36
CA VAL A 143 2.35 -12.81 -5.33
C VAL A 143 2.80 -14.00 -4.51
N GLN A 144 3.61 -14.88 -5.09
CA GLN A 144 4.18 -15.96 -4.32
C GLN A 144 5.04 -15.39 -3.19
N ASP A 145 5.83 -14.36 -3.48
CA ASP A 145 6.61 -13.68 -2.45
C ASP A 145 5.68 -13.21 -1.33
N VAL A 146 4.60 -12.55 -1.73
CA VAL A 146 3.68 -11.98 -0.75
C VAL A 146 3.10 -13.09 0.14
N ASP A 147 2.68 -14.19 -0.48
CA ASP A 147 2.06 -15.28 0.24
C ASP A 147 3.02 -15.93 1.22
N ARG A 148 4.31 -15.91 0.90
CA ARG A 148 5.30 -16.60 1.72
C ARG A 148 5.96 -15.73 2.81
N LYS A 149 5.60 -14.46 2.90
CA LYS A 149 6.04 -13.63 4.03
C LYS A 149 4.86 -13.42 4.97
N PRO A 150 5.14 -13.13 6.24
CA PRO A 150 4.04 -12.89 7.17
C PRO A 150 3.55 -11.45 7.09
N VAL A 151 2.40 -11.22 7.71
CA VAL A 151 1.85 -9.87 7.80
C VAL A 151 2.48 -9.05 8.92
N SER A 152 3.19 -9.69 9.82
CA SER A 152 3.73 -9.00 10.99
C SER A 152 5.12 -8.48 10.74
N PHE A 153 5.45 -7.39 11.44
CA PHE A 153 6.83 -6.95 11.52
C PHE A 153 7.65 -7.88 12.44
N CYS A 154 8.87 -8.15 12.01
CA CYS A 154 9.84 -8.86 12.85
C CYS A 154 10.19 -7.98 14.05
N ARG A 155 10.86 -8.56 15.03
CA ARG A 155 11.16 -7.79 16.23
C ARG A 155 12.03 -6.57 15.93
N GLU A 156 12.93 -6.66 14.95
CA GLU A 156 13.80 -5.54 14.59
C GLU A 156 13.03 -4.39 13.97
N CYS A 157 12.12 -4.71 13.06
CA CYS A 157 11.32 -3.68 12.41
C CYS A 157 10.29 -3.09 13.37
N ALA A 158 9.68 -3.93 14.20
CA ALA A 158 8.71 -3.44 15.18
C ALA A 158 9.39 -2.44 16.11
N SER A 159 10.63 -2.71 16.52
CA SER A 159 11.39 -1.80 17.36
C SER A 159 11.60 -0.46 16.67
N LYS A 160 11.95 -0.49 15.39
CA LYS A 160 12.23 0.75 14.66
C LYS A 160 10.99 1.62 14.49
N ILE A 161 9.82 0.98 14.45
CA ILE A 161 8.55 1.71 14.38
C ILE A 161 8.27 2.36 15.72
N ARG A 162 8.46 1.61 16.79
CA ARG A 162 8.00 2.04 18.11
C ARG A 162 8.91 3.05 18.80
N TYR A 163 10.20 3.00 18.52
CA TYR A 163 11.22 3.73 19.28
C TYR A 163 12.11 4.53 18.35
ZN ZN B . 11.82 -6.92 9.64
ZN ZN C . 9.12 -2.58 -0.71
#